data_7TOM
#
_entry.id   7TOM
#
_cell.length_a   55.609
_cell.length_b   77.158
_cell.length_c   112.817
_cell.angle_alpha   90.000
_cell.angle_beta   90.000
_cell.angle_gamma   90.000
#
_symmetry.space_group_name_H-M   'P 21 21 21'
#
loop_
_entity.id
_entity.type
_entity.pdbx_description
1 polymer 'glycerol dibiphytanyl glycerol tetraether - macrocyclic archaeol synthase'
2 non-polymer 'FE (III) ION'
3 non-polymer 'IRON/SULFUR CLUSTER'
4 non-polymer "5'-DEOXYADENOSINE"
5 non-polymer METHIONINE
6 non-polymer 'THIOCYANATE ION'
7 non-polymer '2-(HEXADECANOYLOXY)-1-[(PHOSPHONOOXY)METHYL]ETHYL HEXADECANOATE'
8 water water
#
_entity_poly.entity_id   1
_entity_poly.type   'polypeptide(L)'
_entity_poly.pdbx_seq_one_letter_code
;MGSSHHHHHHSSGLVPRGSHMEKKTLSLCPICLKRIPATILEEDGKIIIKKTCPEHGEFKDIYWGDAELYKKFDKYEFIG
KIEVTNTKVKNGCPYDCGLCPNHKSTTILANIDVTNRCNLNCPICFANANKSGKVYEPSFEDIKRMMENLRKEIPPTPAI
QFAGGEPTVRSDLPELIKLARDMGFLHVQLATNGIKLKNINYLKKLKEAGLSTIYLQFDGISEKPYLVARGKNLLPIKQK
VIENCKKVGFDSVVLVPTLVRGVNDNEVGGIIRYAAENVDVVRGINFQPVSFTGRVDEKTLLEGRITIPDFIKLVEEQTD
GEITEEDFYPVPSVAPISVLVEKLTNDRKPTLSSHQHCGTSTYVFVDEDGKLIPITRFIDVEGFLEIVKEKIEEIGKSKM
HDVKVLGEIALKLPSLIDLDKAPKSVNIKKIIDLILSVLKSDYSALAELHYHMLMISCMHFMDAYNFDVKRVMRCCIHYA
TPDDRIIPFCTYNTLHRQEVEEKFSIPLEEWKRMHKIGGEDDREDY
;
_entity_poly.pdbx_strand_id   A
#
loop_
_chem_comp.id
_chem_comp.type
_chem_comp.name
_chem_comp.formula
5AD non-polymer 5'-DEOXYADENOSINE 'C10 H13 N5 O3'
FE non-polymer 'FE (III) ION' 'Fe 3'
LPP non-polymer '2-(HEXADECANOYLOXY)-1-[(PHOSPHONOOXY)METHYL]ETHYL HEXADECANOATE' 'C35 H69 O8 P'
SCN non-polymer 'THIOCYANATE ION' 'C N S -1'
SF4 non-polymer 'IRON/SULFUR CLUSTER' 'Fe4 S4'
#
# COMPACT_ATOMS: atom_id res chain seq x y z
N GLY A 18 -32.51 -6.11 13.66
CA GLY A 18 -31.26 -5.69 14.28
C GLY A 18 -30.04 -5.96 13.40
N SER A 19 -29.29 -6.99 13.76
CA SER A 19 -28.11 -7.40 13.01
C SER A 19 -28.51 -8.35 11.90
N HIS A 20 -27.68 -8.42 10.87
CA HIS A 20 -27.86 -9.51 9.93
C HIS A 20 -26.50 -9.91 9.39
N MET A 21 -26.27 -11.21 9.36
CA MET A 21 -24.98 -11.76 8.98
C MET A 21 -24.68 -11.44 7.51
N GLU A 22 -23.45 -10.97 7.26
CA GLU A 22 -22.94 -10.78 5.92
C GLU A 22 -22.10 -11.97 5.44
N LYS A 23 -21.17 -12.45 6.27
CA LYS A 23 -20.20 -13.48 5.90
C LYS A 23 -19.79 -14.26 7.13
N LYS A 24 -19.33 -15.48 6.92
CA LYS A 24 -18.52 -16.19 7.92
C LYS A 24 -17.06 -16.15 7.51
N THR A 25 -16.15 -16.10 8.50
CA THR A 25 -14.75 -16.13 8.14
C THR A 25 -13.94 -16.72 9.31
N LEU A 26 -12.64 -16.55 9.25
CA LEU A 26 -11.73 -16.98 10.30
C LEU A 26 -10.91 -15.76 10.70
N SER A 27 -10.59 -15.66 11.98
CA SER A 27 -9.87 -14.52 12.49
C SER A 27 -8.80 -15.03 13.46
N LEU A 28 -8.25 -14.11 14.25
CA LEU A 28 -7.28 -14.46 15.28
C LEU A 28 -7.77 -13.99 16.64
N CYS A 29 -7.47 -14.76 17.69
CA CYS A 29 -7.68 -14.25 19.04
C CYS A 29 -6.64 -13.16 19.34
N PRO A 30 -7.04 -11.96 19.75
CA PRO A 30 -6.04 -10.91 20.02
C PRO A 30 -5.15 -11.21 21.20
N ILE A 31 -5.50 -12.20 22.02
CA ILE A 31 -4.73 -12.54 23.21
C ILE A 31 -3.68 -13.59 22.88
N CYS A 32 -4.09 -14.74 22.34
CA CYS A 32 -3.16 -15.83 22.06
C CYS A 32 -2.86 -16.03 20.59
N LEU A 33 -3.47 -15.24 19.69
CA LEU A 33 -3.17 -15.29 18.24
C LEU A 33 -3.52 -16.64 17.61
N LYS A 34 -4.41 -17.40 18.22
CA LYS A 34 -4.89 -18.62 17.61
C LYS A 34 -5.99 -18.33 16.58
N ARG A 35 -6.08 -19.19 15.57
CA ARG A 35 -7.10 -19.10 14.53
C ARG A 35 -8.45 -19.45 15.13
N ILE A 36 -9.43 -18.54 15.00
CA ILE A 36 -10.75 -18.73 15.61
C ILE A 36 -11.84 -18.35 14.61
N PRO A 37 -13.02 -18.96 14.75
CA PRO A 37 -14.13 -18.60 13.87
C PRO A 37 -14.65 -17.20 14.13
N ALA A 38 -15.14 -16.56 13.06
CA ALA A 38 -15.62 -15.19 13.14
C ALA A 38 -16.81 -14.99 12.22
N THR A 39 -17.67 -14.02 12.59
CA THR A 39 -18.86 -13.63 11.85
C THR A 39 -18.75 -12.15 11.52
N ILE A 40 -19.07 -11.79 10.29
CA ILE A 40 -19.13 -10.41 9.85
C ILE A 40 -20.61 -10.06 9.71
N LEU A 41 -21.03 -8.99 10.38
CA LEU A 41 -22.45 -8.68 10.51
C LEU A 41 -22.68 -7.20 10.25
N GLU A 42 -23.85 -6.89 9.68
CA GLU A 42 -24.29 -5.51 9.59
C GLU A 42 -25.09 -5.18 10.83
N GLU A 43 -24.75 -4.06 11.46
CA GLU A 43 -25.37 -3.67 12.72
C GLU A 43 -25.39 -2.15 12.75
N ASP A 44 -26.58 -1.54 12.71
CA ASP A 44 -26.71 -0.08 12.84
C ASP A 44 -25.84 0.65 11.81
N GLY A 45 -25.94 0.21 10.56
CA GLY A 45 -25.28 0.86 9.43
C GLY A 45 -23.79 0.63 9.33
N LYS A 46 -23.22 -0.18 10.21
CA LYS A 46 -21.79 -0.46 10.22
C LYS A 46 -21.58 -1.97 10.05
N ILE A 47 -20.34 -2.33 9.72
CA ILE A 47 -19.95 -3.74 9.59
C ILE A 47 -19.06 -4.06 10.78
N ILE A 48 -19.49 -5.06 11.55
CA ILE A 48 -18.81 -5.51 12.76
CA ILE A 48 -18.73 -5.48 12.72
C ILE A 48 -18.26 -6.92 12.52
N ILE A 49 -17.23 -7.27 13.28
CA ILE A 49 -16.75 -8.65 13.29
C ILE A 49 -16.82 -9.14 14.73
N LYS A 50 -17.46 -10.30 14.92
CA LYS A 50 -17.57 -10.97 16.22
C LYS A 50 -16.83 -12.29 16.13
N LYS A 51 -16.14 -12.67 17.21
CA LYS A 51 -15.39 -13.92 17.18
C LYS A 51 -15.31 -14.46 18.59
N THR A 52 -15.01 -15.75 18.69
CA THR A 52 -14.96 -16.45 19.98
C THR A 52 -13.68 -17.27 20.02
N CYS A 53 -12.87 -17.03 21.05
CA CYS A 53 -11.73 -17.89 21.34
C CYS A 53 -12.16 -18.94 22.37
N PRO A 54 -11.88 -20.24 22.12
CA PRO A 54 -12.24 -21.27 23.12
C PRO A 54 -11.72 -20.96 24.52
N GLU A 55 -10.54 -20.34 24.62
CA GLU A 55 -9.97 -19.96 25.90
C GLU A 55 -10.36 -18.56 26.34
N HIS A 56 -10.30 -17.56 25.46
CA HIS A 56 -10.39 -16.18 25.96
C HIS A 56 -11.76 -15.52 25.71
N GLY A 57 -12.71 -16.23 25.09
CA GLY A 57 -14.09 -15.77 25.04
C GLY A 57 -14.44 -14.86 23.87
N GLU A 58 -15.40 -13.96 24.08
CA GLU A 58 -15.98 -13.21 22.97
C GLU A 58 -15.22 -11.92 22.67
N PHE A 59 -15.18 -11.55 21.40
CA PHE A 59 -14.55 -10.32 20.94
C PHE A 59 -15.45 -9.68 19.91
N LYS A 60 -15.47 -8.35 19.90
CA LYS A 60 -16.26 -7.59 18.94
C LYS A 60 -15.42 -6.39 18.49
N ASP A 61 -15.28 -6.17 17.18
CA ASP A 61 -14.53 -5.02 16.67
C ASP A 61 -15.26 -4.40 15.48
N ILE A 62 -14.94 -3.13 15.19
CA ILE A 62 -15.39 -2.53 13.93
C ILE A 62 -14.59 -3.12 12.78
N TYR A 63 -15.29 -3.61 11.76
CA TYR A 63 -14.66 -4.09 10.53
C TYR A 63 -14.65 -2.99 9.46
N TRP A 64 -15.83 -2.45 9.12
CA TRP A 64 -15.99 -1.33 8.19
C TRP A 64 -17.01 -0.35 8.76
N GLY A 65 -16.71 0.95 8.67
CA GLY A 65 -17.61 1.95 9.23
C GLY A 65 -18.92 2.17 8.46
N ASP A 66 -19.08 1.66 7.25
CA ASP A 66 -20.28 1.97 6.47
C ASP A 66 -20.76 0.73 5.75
N ALA A 67 -21.95 0.22 6.12
CA ALA A 67 -22.41 -1.04 5.54
C ALA A 67 -22.78 -0.89 4.07
N GLU A 68 -23.22 0.30 3.65
CA GLU A 68 -23.63 0.46 2.26
C GLU A 68 -22.42 0.40 1.32
N LEU A 69 -21.36 1.14 1.65
CA LEU A 69 -20.16 1.08 0.83
C LEU A 69 -19.51 -0.30 0.88
N TYR A 70 -19.58 -0.97 2.05
CA TYR A 70 -19.08 -2.34 2.16
C TYR A 70 -19.71 -3.26 1.12
N LYS A 71 -21.04 -3.20 1.01
CA LYS A 71 -21.74 -4.05 0.06
C LYS A 71 -21.45 -3.62 -1.38
N LYS A 72 -21.34 -2.31 -1.61
CA LYS A 72 -21.03 -1.82 -2.95
C LYS A 72 -19.69 -2.38 -3.44
N PHE A 73 -18.69 -2.46 -2.56
CA PHE A 73 -17.36 -2.93 -2.99
C PHE A 73 -17.32 -4.44 -3.25
N ASP A 74 -18.23 -5.23 -2.67
CA ASP A 74 -18.24 -6.67 -2.93
C ASP A 74 -18.34 -7.00 -4.42
N LYS A 75 -18.92 -6.11 -5.22
CA LYS A 75 -19.07 -6.45 -6.63
C LYS A 75 -17.75 -6.49 -7.37
N TYR A 76 -16.66 -5.97 -6.80
CA TYR A 76 -15.39 -5.96 -7.51
C TYR A 76 -14.47 -7.08 -7.09
N GLU A 77 -14.99 -8.07 -6.37
CA GLU A 77 -14.22 -9.25 -6.00
C GLU A 77 -13.54 -9.88 -7.23
N PHE A 78 -12.25 -10.17 -7.09
CA PHE A 78 -11.49 -10.82 -8.15
C PHE A 78 -10.54 -11.81 -7.51
N ILE A 79 -10.64 -13.09 -7.87
CA ILE A 79 -9.79 -14.15 -7.33
C ILE A 79 -8.65 -14.43 -8.29
N GLY A 80 -7.41 -14.26 -7.81
CA GLY A 80 -6.23 -14.47 -8.63
C GLY A 80 -5.77 -15.92 -8.56
N LYS A 81 -4.58 -16.16 -9.10
CA LYS A 81 -3.98 -17.49 -9.02
C LYS A 81 -2.47 -17.40 -8.89
N ILE A 82 -1.86 -18.38 -8.25
CA ILE A 82 -0.40 -18.38 -8.24
C ILE A 82 0.10 -19.68 -8.85
N GLU A 83 1.32 -19.66 -9.33
CA GLU A 83 1.94 -20.89 -9.82
C GLU A 83 3.21 -21.27 -9.09
N VAL A 84 3.98 -20.31 -8.59
CA VAL A 84 5.25 -20.57 -7.93
C VAL A 84 5.04 -20.41 -6.43
N THR A 85 5.29 -21.47 -5.66
CA THR A 85 5.09 -21.47 -4.21
C THR A 85 6.42 -21.73 -3.49
N ASN A 86 6.46 -21.35 -2.22
CA ASN A 86 7.69 -21.47 -1.45
C ASN A 86 7.55 -22.34 -0.23
N THR A 87 6.31 -22.55 0.24
CA THR A 87 6.04 -23.35 1.44
C THR A 87 4.90 -24.30 1.11
N LYS A 88 4.72 -25.31 1.96
CA LYS A 88 3.69 -26.31 1.80
C LYS A 88 2.55 -26.06 2.80
N VAL A 89 1.41 -26.67 2.52
CA VAL A 89 0.32 -26.71 3.49
C VAL A 89 0.75 -27.55 4.69
N LYS A 90 0.56 -27.01 5.88
CA LYS A 90 0.95 -27.74 7.09
C LYS A 90 -0.06 -27.50 8.18
N ASN A 91 -0.26 -26.23 8.55
CA ASN A 91 -1.17 -25.88 9.62
C ASN A 91 -2.38 -25.09 9.14
N GLY A 92 -2.50 -24.86 7.85
CA GLY A 92 -3.57 -24.07 7.31
C GLY A 92 -3.30 -22.58 7.46
N CYS A 93 -4.07 -21.80 6.72
CA CYS A 93 -3.95 -20.36 6.78
C CYS A 93 -4.42 -19.85 8.14
N PRO A 94 -3.77 -18.80 8.71
CA PRO A 94 -2.68 -17.97 8.20
C PRO A 94 -1.31 -18.40 8.75
N TYR A 95 -1.11 -19.70 8.95
CA TYR A 95 0.11 -20.17 9.60
C TYR A 95 1.14 -20.72 8.63
N ASP A 96 0.83 -20.85 7.36
CA ASP A 96 1.70 -21.56 6.44
C ASP A 96 2.46 -20.60 5.51
N CYS A 97 2.50 -19.30 5.82
CA CYS A 97 3.15 -18.34 4.92
C CYS A 97 4.65 -18.63 4.80
N GLY A 98 5.19 -18.51 3.60
CA GLY A 98 4.46 -18.38 2.36
C GLY A 98 5.53 -18.34 1.25
N LEU A 99 5.10 -18.27 0.01
CA LEU A 99 3.68 -18.43 -0.33
C LEU A 99 3.31 -19.90 -0.36
N CYS A 100 2.22 -20.30 0.32
CA CYS A 100 1.74 -21.68 0.26
C CYS A 100 0.83 -21.88 -0.94
N PRO A 101 0.48 -23.13 -1.26
CA PRO A 101 -0.29 -23.40 -2.48
C PRO A 101 -1.67 -22.80 -2.48
N ASN A 102 -2.19 -22.41 -1.34
CA ASN A 102 -3.52 -21.85 -1.26
C ASN A 102 -3.55 -20.33 -1.34
N HIS A 103 -2.41 -19.65 -1.44
CA HIS A 103 -2.46 -18.20 -1.59
C HIS A 103 -3.03 -17.85 -2.97
N LYS A 104 -3.73 -16.71 -3.06
CA LYS A 104 -4.51 -16.43 -4.28
C LYS A 104 -4.00 -15.24 -5.09
N SER A 105 -2.83 -14.68 -4.76
CA SER A 105 -2.30 -13.51 -5.45
C SER A 105 -0.79 -13.62 -5.53
N THR A 106 -0.19 -13.23 -6.66
CA THR A 106 1.27 -13.18 -6.65
C THR A 106 1.72 -11.85 -6.06
N THR A 107 3.06 -11.72 -5.86
CA THR A 107 3.59 -10.48 -5.30
C THR A 107 3.48 -9.34 -6.31
N ILE A 108 2.74 -8.30 -5.97
CA ILE A 108 2.74 -7.09 -6.80
C ILE A 108 3.77 -6.10 -6.29
N LEU A 109 3.74 -5.80 -4.99
CA LEU A 109 4.79 -5.01 -4.35
C LEU A 109 5.44 -5.83 -3.26
N ALA A 110 6.74 -6.09 -3.42
CA ALA A 110 7.54 -6.74 -2.40
C ALA A 110 8.08 -5.69 -1.43
N ASN A 111 8.24 -6.12 -0.18
CA ASN A 111 8.95 -5.38 0.85
C ASN A 111 10.20 -6.18 1.20
N ILE A 112 11.33 -5.52 1.30
CA ILE A 112 12.49 -6.11 1.95
C ILE A 112 12.87 -5.21 3.12
N ASP A 113 12.81 -5.74 4.34
CA ASP A 113 13.31 -4.99 5.48
C ASP A 113 14.83 -5.04 5.47
N VAL A 114 15.49 -3.90 5.20
CA VAL A 114 16.95 -3.90 5.11
C VAL A 114 17.60 -3.69 6.49
N THR A 115 16.82 -3.32 7.50
CA THR A 115 17.34 -3.13 8.83
C THR A 115 16.19 -3.09 9.82
N ASN A 116 16.47 -3.41 11.09
CA ASN A 116 15.52 -3.02 12.12
C ASN A 116 16.02 -1.84 12.96
N ARG A 117 17.17 -1.26 12.61
CA ARG A 117 17.59 -0.02 13.27
C ARG A 117 16.78 1.17 12.75
N CYS A 118 16.63 2.18 13.59
CA CYS A 118 15.95 3.39 13.17
C CYS A 118 16.57 4.56 13.90
N ASN A 119 16.61 5.71 13.22
CA ASN A 119 17.04 6.96 13.85
C ASN A 119 15.89 7.73 14.52
N LEU A 120 14.70 7.15 14.63
CA LEU A 120 13.59 7.68 15.43
C LEU A 120 13.17 6.64 16.45
N ASN A 121 12.20 7.01 17.30
CA ASN A 121 11.61 6.09 18.28
C ASN A 121 10.09 6.33 18.38
N CYS A 122 9.37 6.23 17.25
CA CYS A 122 7.98 6.69 17.18
C CYS A 122 7.07 5.96 18.16
N PRO A 123 6.22 6.67 18.91
CA PRO A 123 5.18 5.99 19.71
C PRO A 123 4.26 5.06 18.91
N ILE A 124 4.01 5.32 17.62
CA ILE A 124 3.23 4.42 16.76
C ILE A 124 4.19 3.85 15.74
N CYS A 125 4.47 2.55 15.84
CA CYS A 125 5.42 1.92 14.92
C CYS A 125 5.02 0.47 14.75
N PHE A 126 4.46 0.13 13.58
CA PHE A 126 3.96 -1.24 13.40
C PHE A 126 5.10 -2.27 13.46
N ALA A 127 6.36 -1.84 13.27
CA ALA A 127 7.51 -2.74 13.29
C ALA A 127 8.13 -2.88 14.68
N ASN A 128 7.63 -2.10 15.65
CA ASN A 128 8.20 -1.96 17.00
C ASN A 128 9.74 -1.80 16.97
N ALA A 129 10.22 -0.90 16.10
CA ALA A 129 11.65 -0.74 15.89
C ALA A 129 12.36 -0.29 17.18
N ASN A 130 13.63 -0.72 17.33
CA ASN A 130 14.51 -0.22 18.43
C ASN A 130 14.08 -0.64 19.82
N LYS A 131 13.55 -1.86 19.95
CA LYS A 131 13.21 -2.36 21.28
C LYS A 131 13.77 -3.74 21.57
N SER A 132 14.17 -4.51 20.57
CA SER A 132 14.63 -5.85 20.85
C SER A 132 16.04 -5.90 21.43
N GLY A 133 16.78 -4.81 21.37
CA GLY A 133 18.20 -4.90 21.70
C GLY A 133 19.03 -5.72 20.74
N LYS A 134 18.48 -6.11 19.58
CA LYS A 134 19.18 -6.92 18.59
C LYS A 134 19.10 -6.24 17.24
N VAL A 135 20.09 -6.49 16.38
CA VAL A 135 20.17 -5.82 15.09
C VAL A 135 19.99 -6.86 14.00
N TYR A 136 18.97 -6.62 13.18
CA TYR A 136 18.64 -7.42 12.01
C TYR A 136 19.08 -6.59 10.81
N GLU A 137 20.06 -7.10 10.06
CA GLU A 137 20.58 -6.37 8.90
C GLU A 137 21.14 -7.37 7.90
N PRO A 138 20.31 -7.81 6.94
CA PRO A 138 20.78 -8.75 5.92
C PRO A 138 21.93 -8.19 5.09
N SER A 139 22.83 -9.08 4.69
CA SER A 139 23.94 -8.68 3.83
C SER A 139 23.43 -8.36 2.41
N PHE A 140 24.26 -7.62 1.65
CA PHE A 140 24.00 -7.39 0.24
C PHE A 140 23.65 -8.69 -0.49
N GLU A 141 24.36 -9.79 -0.16
CA GLU A 141 24.10 -11.05 -0.86
C GLU A 141 22.78 -11.69 -0.46
N ASP A 142 22.42 -11.58 0.83
CA ASP A 142 21.11 -12.06 1.29
C ASP A 142 19.98 -11.35 0.56
N ILE A 143 20.13 -10.03 0.38
CA ILE A 143 19.08 -9.24 -0.27
C ILE A 143 18.99 -9.57 -1.76
N LYS A 144 20.13 -9.78 -2.42
CA LYS A 144 20.07 -10.25 -3.81
C LYS A 144 19.31 -11.56 -3.92
N ARG A 145 19.53 -12.48 -2.98
CA ARG A 145 18.82 -13.75 -3.01
C ARG A 145 17.34 -13.59 -2.75
N MET A 146 16.97 -12.72 -1.79
CA MET A 146 15.54 -12.43 -1.62
C MET A 146 14.92 -11.86 -2.90
N MET A 147 15.63 -10.96 -3.57
CA MET A 147 15.15 -10.44 -4.84
C MET A 147 14.99 -11.54 -5.90
N GLU A 148 15.97 -12.46 -6.00
CA GLU A 148 15.83 -13.58 -6.94
C GLU A 148 14.56 -14.37 -6.69
N ASN A 149 14.25 -14.66 -5.41
CA ASN A 149 13.03 -15.38 -5.07
C ASN A 149 11.80 -14.64 -5.55
N LEU A 150 11.76 -13.31 -5.35
CA LEU A 150 10.65 -12.51 -5.85
C LEU A 150 10.55 -12.56 -7.37
N ARG A 151 11.70 -12.52 -8.03
CA ARG A 151 11.72 -12.48 -9.49
C ARG A 151 11.47 -13.83 -10.12
N LYS A 152 11.51 -14.92 -9.33
CA LYS A 152 11.20 -16.25 -9.81
C LYS A 152 9.71 -16.54 -9.88
N GLU A 153 8.86 -15.65 -9.37
CA GLU A 153 7.41 -15.81 -9.45
C GLU A 153 6.96 -15.73 -10.91
N ILE A 154 5.77 -16.27 -11.16
CA ILE A 154 5.13 -16.13 -12.48
C ILE A 154 3.84 -15.35 -12.27
N PRO A 155 3.71 -14.11 -12.79
CA PRO A 155 4.77 -13.33 -13.43
C PRO A 155 5.76 -12.81 -12.39
N PRO A 156 6.94 -12.36 -12.82
CA PRO A 156 7.91 -11.81 -11.87
C PRO A 156 7.34 -10.63 -11.11
N THR A 157 7.71 -10.55 -9.83
CA THR A 157 7.34 -9.42 -8.99
C THR A 157 7.82 -8.11 -9.64
N PRO A 158 6.91 -7.19 -9.96
CA PRO A 158 7.30 -5.99 -10.71
C PRO A 158 7.84 -4.86 -9.85
N ALA A 159 7.51 -4.80 -8.55
CA ALA A 159 7.85 -3.65 -7.73
C ALA A 159 8.43 -4.10 -6.38
N ILE A 160 9.39 -3.34 -5.88
CA ILE A 160 10.00 -3.67 -4.58
C ILE A 160 10.19 -2.40 -3.77
N GLN A 161 9.97 -2.51 -2.46
CA GLN A 161 10.16 -1.37 -1.56
C GLN A 161 11.14 -1.76 -0.46
N PHE A 162 12.12 -0.90 -0.19
CA PHE A 162 13.00 -1.07 0.97
C PHE A 162 12.32 -0.43 2.17
N ALA A 163 12.21 -1.19 3.27
CA ALA A 163 11.55 -0.73 4.47
C ALA A 163 12.38 -1.22 5.67
N GLY A 164 11.78 -1.20 6.85
CA GLY A 164 12.45 -1.57 8.09
C GLY A 164 11.56 -1.21 9.27
N GLY A 165 12.09 -0.62 10.35
CA GLY A 165 13.40 0.03 10.38
C GLY A 165 13.44 1.26 9.45
N GLU A 166 14.49 2.04 9.54
CA GLU A 166 14.69 3.16 8.62
C GLU A 166 15.77 2.78 7.61
N PRO A 167 15.43 2.62 6.32
CA PRO A 167 16.43 2.08 5.38
C PRO A 167 17.60 2.99 5.21
N THR A 168 17.38 4.31 5.31
CA THR A 168 18.47 5.27 5.11
C THR A 168 19.57 5.19 6.19
N VAL A 169 19.38 4.45 7.29
CA VAL A 169 20.51 4.31 8.23
C VAL A 169 21.56 3.30 7.77
N ARG A 170 21.34 2.56 6.68
CA ARG A 170 22.37 1.72 6.07
C ARG A 170 23.16 2.52 5.06
N SER A 171 24.50 2.49 5.16
CA SER A 171 25.28 3.27 4.21
C SER A 171 25.22 2.68 2.81
N ASP A 172 24.85 1.42 2.65
CA ASP A 172 24.83 0.83 1.32
C ASP A 172 23.46 0.94 0.61
N LEU A 173 22.51 1.70 1.14
CA LEU A 173 21.21 1.83 0.49
C LEU A 173 21.29 2.24 -0.99
N PRO A 174 22.14 3.18 -1.43
CA PRO A 174 22.18 3.46 -2.88
C PRO A 174 22.62 2.27 -3.72
N GLU A 175 23.57 1.46 -3.22
CA GLU A 175 23.91 0.22 -3.89
C GLU A 175 22.75 -0.78 -3.90
N LEU A 176 21.92 -0.81 -2.85
CA LEU A 176 20.77 -1.71 -2.90
C LEU A 176 19.74 -1.26 -3.91
N ILE A 177 19.63 0.05 -4.12
CA ILE A 177 18.70 0.58 -5.11
C ILE A 177 19.18 0.21 -6.52
N LYS A 178 20.48 0.36 -6.77
CA LYS A 178 21.04 -0.05 -8.05
C LYS A 178 20.81 -1.54 -8.29
N LEU A 179 21.06 -2.35 -7.25
CA LEU A 179 20.83 -3.79 -7.30
C LEU A 179 19.41 -4.12 -7.70
N ALA A 180 18.41 -3.45 -7.09
CA ALA A 180 17.01 -3.71 -7.46
C ALA A 180 16.77 -3.41 -8.94
N ARG A 181 17.33 -2.30 -9.44
CA ARG A 181 17.18 -2.01 -10.87
C ARG A 181 17.83 -3.12 -11.71
N ASP A 182 19.05 -3.50 -11.33
CA ASP A 182 19.79 -4.55 -12.04
C ASP A 182 19.04 -5.88 -12.07
N MET A 183 18.27 -6.16 -11.03
CA MET A 183 17.52 -7.41 -10.94
C MET A 183 16.23 -7.38 -11.80
N GLY A 184 15.91 -6.25 -12.42
CA GLY A 184 14.76 -6.14 -13.31
C GLY A 184 13.48 -5.54 -12.75
N PHE A 185 13.44 -5.06 -11.50
CA PHE A 185 12.22 -4.43 -10.98
C PHE A 185 11.91 -3.14 -11.75
N LEU A 186 10.64 -3.01 -12.16
CA LEU A 186 10.20 -1.80 -12.87
C LEU A 186 10.07 -0.58 -11.95
N HIS A 187 9.92 -0.81 -10.66
CA HIS A 187 9.54 0.24 -9.73
C HIS A 187 10.32 -0.07 -8.47
N VAL A 188 11.15 0.86 -8.01
CA VAL A 188 11.94 0.71 -6.79
C VAL A 188 11.54 1.81 -5.84
N GLN A 189 11.05 1.42 -4.65
CA GLN A 189 10.45 2.38 -3.75
C GLN A 189 11.19 2.38 -2.41
N LEU A 190 11.23 3.55 -1.76
CA LEU A 190 11.88 3.71 -0.46
C LEU A 190 10.85 4.20 0.55
N ALA A 191 10.55 3.38 1.57
CA ALA A 191 9.69 3.83 2.65
C ALA A 191 10.62 4.43 3.71
N THR A 192 10.43 5.70 4.04
CA THR A 192 11.43 6.42 4.83
C THR A 192 10.76 7.50 5.66
N ASN A 193 11.33 7.76 6.85
CA ASN A 193 10.89 8.92 7.61
C ASN A 193 11.48 10.21 7.05
N GLY A 194 12.38 10.10 6.06
CA GLY A 194 12.89 11.27 5.35
C GLY A 194 13.95 12.09 6.06
N ILE A 195 14.31 11.76 7.30
CA ILE A 195 15.18 12.66 8.06
C ILE A 195 16.51 12.86 7.35
N LYS A 196 17.10 11.77 6.86
CA LYS A 196 18.39 11.91 6.19
C LYS A 196 18.26 12.62 4.86
N LEU A 197 17.06 12.64 4.28
CA LEU A 197 16.83 13.32 3.00
C LEU A 197 16.78 14.83 3.17
N LYS A 198 16.74 15.36 4.41
CA LYS A 198 16.90 16.81 4.58
C LYS A 198 18.26 17.29 4.10
N ASN A 199 19.23 16.40 3.96
CA ASN A 199 20.52 16.71 3.37
C ASN A 199 20.42 16.50 1.86
N ILE A 200 20.52 17.57 1.08
CA ILE A 200 20.24 17.43 -0.34
C ILE A 200 21.25 16.52 -1.05
N ASN A 201 22.52 16.49 -0.60
CA ASN A 201 23.49 15.62 -1.27
C ASN A 201 23.14 14.15 -1.09
N TYR A 202 22.57 13.80 0.06
CA TYR A 202 22.09 12.43 0.23
C TYR A 202 20.94 12.13 -0.73
N LEU A 203 19.98 13.07 -0.84
CA LEU A 203 18.89 12.88 -1.79
C LEU A 203 19.41 12.71 -3.20
N LYS A 204 20.44 13.49 -3.58
CA LYS A 204 21.04 13.34 -4.90
C LYS A 204 21.54 11.92 -5.14
N LYS A 205 22.21 11.30 -4.16
CA LYS A 205 22.70 9.95 -4.40
C LYS A 205 21.57 8.95 -4.62
N LEU A 206 20.41 9.15 -3.97
CA LEU A 206 19.28 8.25 -4.20
C LEU A 206 18.73 8.39 -5.60
N LYS A 207 18.54 9.64 -6.03
CA LYS A 207 18.08 9.88 -7.40
C LYS A 207 19.06 9.24 -8.39
N GLU A 208 20.36 9.54 -8.23
CA GLU A 208 21.38 9.02 -9.13
C GLU A 208 21.39 7.51 -9.17
N ALA A 209 21.07 6.84 -8.04
CA ALA A 209 21.04 5.38 -8.00
C ALA A 209 19.83 4.78 -8.71
N GLY A 210 18.85 5.59 -9.07
CA GLY A 210 17.69 5.13 -9.79
C GLY A 210 16.44 4.89 -8.97
N LEU A 211 16.29 5.54 -7.81
CA LEU A 211 15.08 5.38 -7.02
C LEU A 211 13.85 5.84 -7.81
N SER A 212 12.81 5.01 -7.87
CA SER A 212 11.57 5.42 -8.53
C SER A 212 10.75 6.37 -7.67
N THR A 213 10.58 6.05 -6.38
CA THR A 213 9.56 6.75 -5.60
C THR A 213 9.98 6.79 -4.14
N ILE A 214 9.75 7.93 -3.50
CA ILE A 214 9.94 8.05 -2.05
C ILE A 214 8.56 7.95 -1.41
N TYR A 215 8.40 6.98 -0.50
CA TYR A 215 7.15 6.72 0.18
C TYR A 215 7.35 7.34 1.56
N LEU A 216 6.97 8.61 1.69
CA LEU A 216 7.45 9.46 2.77
C LEU A 216 6.43 9.51 3.89
N GLN A 217 6.83 9.04 5.07
CA GLN A 217 6.02 9.19 6.26
C GLN A 217 5.57 10.65 6.43
N PHE A 218 4.27 10.86 6.60
CA PHE A 218 3.80 12.27 6.59
C PHE A 218 2.48 12.33 7.34
N ASP A 219 2.52 12.68 8.61
CA ASP A 219 1.31 12.53 9.42
C ASP A 219 0.39 13.75 9.49
N GLY A 220 0.75 14.90 8.92
CA GLY A 220 -0.17 16.02 9.01
C GLY A 220 0.44 17.29 8.45
N ILE A 221 -0.37 18.36 8.50
CA ILE A 221 0.06 19.70 8.08
C ILE A 221 0.19 20.65 9.26
N SER A 222 0.10 20.17 10.49
CA SER A 222 0.45 20.93 11.68
C SER A 222 1.35 20.05 12.53
N GLU A 223 1.86 20.61 13.63
CA GLU A 223 2.85 19.91 14.45
C GLU A 223 2.23 18.80 15.32
N LYS A 224 0.94 18.91 15.70
CA LYS A 224 0.41 17.98 16.69
C LYS A 224 0.42 16.51 16.26
N PRO A 225 -0.03 16.13 15.05
CA PRO A 225 0.04 14.70 14.70
C PRO A 225 1.46 14.14 14.76
N TYR A 226 2.48 14.96 14.48
CA TYR A 226 3.85 14.49 14.60
C TYR A 226 4.24 14.29 16.07
N LEU A 227 3.83 15.22 16.94
CA LEU A 227 4.18 15.07 18.36
C LEU A 227 3.58 13.78 18.92
N VAL A 228 2.35 13.45 18.49
CA VAL A 228 1.63 12.28 18.98
C VAL A 228 2.20 11.00 18.39
N ALA A 229 2.29 10.93 17.06
CA ALA A 229 2.65 9.67 16.41
C ALA A 229 4.15 9.44 16.41
N ARG A 230 4.94 10.51 16.43
CA ARG A 230 6.36 10.43 16.19
C ARG A 230 7.19 10.92 17.35
N GLY A 231 6.61 11.66 18.30
CA GLY A 231 7.36 12.11 19.45
C GLY A 231 8.07 13.43 19.31
N LYS A 232 8.05 14.07 18.14
CA LYS A 232 8.67 15.38 17.99
C LYS A 232 8.12 16.02 16.74
N ASN A 233 8.33 17.33 16.59
CA ASN A 233 7.74 18.07 15.47
C ASN A 233 8.63 17.89 14.26
N LEU A 234 8.29 16.90 13.43
CA LEU A 234 9.00 16.63 12.19
C LEU A 234 8.49 17.44 11.01
N LEU A 235 7.41 18.21 11.17
CA LEU A 235 6.84 18.91 10.02
C LEU A 235 7.86 19.74 9.26
N PRO A 236 8.70 20.57 9.89
CA PRO A 236 9.69 21.32 9.11
C PRO A 236 10.63 20.42 8.34
N ILE A 237 10.96 19.26 8.88
CA ILE A 237 11.84 18.35 8.15
C ILE A 237 11.14 17.77 6.94
N LYS A 238 9.87 17.37 7.08
CA LYS A 238 9.12 16.90 5.93
C LYS A 238 9.07 17.96 4.84
N GLN A 239 8.81 19.21 5.25
CA GLN A 239 8.77 20.32 4.30
C GLN A 239 10.12 20.49 3.61
N LYS A 240 11.22 20.37 4.36
CA LYS A 240 12.54 20.45 3.77
C LYS A 240 12.73 19.37 2.72
N VAL A 241 12.29 18.14 3.03
CA VAL A 241 12.46 17.05 2.07
C VAL A 241 11.72 17.37 0.79
N ILE A 242 10.51 17.93 0.92
CA ILE A 242 9.74 18.27 -0.27
C ILE A 242 10.47 19.37 -1.07
N GLU A 243 10.94 20.41 -0.38
CA GLU A 243 11.70 21.48 -1.05
C GLU A 243 12.97 20.94 -1.69
N ASN A 244 13.66 19.98 -1.02
CA ASN A 244 14.84 19.37 -1.64
C ASN A 244 14.46 18.60 -2.90
N CYS A 245 13.33 17.88 -2.90
CA CYS A 245 12.91 17.17 -4.12
C CYS A 245 12.67 18.16 -5.26
N LYS A 246 12.06 19.30 -4.96
CA LYS A 246 11.89 20.33 -5.99
C LYS A 246 13.25 20.80 -6.51
N LYS A 247 14.21 21.05 -5.61
CA LYS A 247 15.51 21.57 -6.05
C LYS A 247 16.22 20.59 -7.00
N VAL A 248 16.15 19.28 -6.72
CA VAL A 248 16.89 18.32 -7.53
C VAL A 248 16.04 17.71 -8.64
N GLY A 249 14.81 18.19 -8.82
CA GLY A 249 13.89 17.61 -9.80
C GLY A 249 13.47 16.17 -9.56
N PHE A 250 13.35 15.74 -8.29
CA PHE A 250 12.83 14.41 -7.98
C PHE A 250 11.33 14.56 -7.81
N ASP A 251 10.56 13.97 -8.71
CA ASP A 251 9.15 14.33 -8.85
C ASP A 251 8.20 13.17 -8.55
N SER A 252 8.62 12.23 -7.68
CA SER A 252 7.76 11.08 -7.40
C SER A 252 7.78 10.77 -5.90
N VAL A 253 7.05 11.58 -5.13
CA VAL A 253 6.92 11.40 -3.68
C VAL A 253 5.48 11.01 -3.42
N VAL A 254 5.28 10.00 -2.57
CA VAL A 254 3.96 9.67 -2.04
C VAL A 254 3.98 9.97 -0.55
N LEU A 255 3.03 10.78 -0.11
CA LEU A 255 2.92 11.11 1.30
C LEU A 255 2.13 10.00 1.99
N VAL A 256 2.57 9.61 3.18
CA VAL A 256 1.99 8.42 3.83
C VAL A 256 1.55 8.78 5.25
N PRO A 257 0.32 9.22 5.44
CA PRO A 257 -0.15 9.52 6.80
C PRO A 257 -0.63 8.26 7.49
N THR A 258 -0.23 8.11 8.76
CA THR A 258 -0.83 7.11 9.64
C THR A 258 -2.07 7.75 10.27
N LEU A 259 -3.25 7.31 9.84
CA LEU A 259 -4.50 8.01 10.14
C LEU A 259 -5.06 7.48 11.45
N VAL A 260 -5.22 8.36 12.43
CA VAL A 260 -5.59 8.01 13.79
C VAL A 260 -6.78 8.87 14.19
N ARG A 261 -7.90 8.24 14.52
CA ARG A 261 -9.05 9.01 14.98
C ARG A 261 -8.66 9.83 16.20
N GLY A 262 -8.97 11.12 16.15
CA GLY A 262 -8.64 12.00 17.25
C GLY A 262 -7.31 12.71 17.13
N VAL A 263 -6.55 12.45 16.07
CA VAL A 263 -5.21 13.01 15.96
C VAL A 263 -5.07 13.74 14.64
N ASN A 264 -5.32 13.04 13.53
CA ASN A 264 -5.21 13.73 12.24
C ASN A 264 -6.36 13.39 11.30
N ASP A 265 -7.47 12.84 11.82
CA ASP A 265 -8.67 12.71 11.00
C ASP A 265 -9.22 14.06 10.58
N ASN A 266 -8.91 15.11 11.35
CA ASN A 266 -9.29 16.46 10.98
C ASN A 266 -8.35 17.10 9.94
N GLU A 267 -7.28 16.42 9.53
CA GLU A 267 -6.32 16.99 8.58
C GLU A 267 -6.28 16.25 7.26
N VAL A 268 -7.27 15.41 6.98
CA VAL A 268 -7.31 14.66 5.73
C VAL A 268 -7.37 15.61 4.55
N GLY A 269 -8.32 16.56 4.57
CA GLY A 269 -8.38 17.53 3.51
C GLY A 269 -7.12 18.38 3.42
N GLY A 270 -6.60 18.79 4.58
CA GLY A 270 -5.38 19.61 4.59
C GLY A 270 -4.20 18.91 3.96
N ILE A 271 -4.01 17.61 4.25
CA ILE A 271 -2.93 16.85 3.63
C ILE A 271 -3.12 16.80 2.12
N ILE A 272 -4.36 16.58 1.69
CA ILE A 272 -4.63 16.48 0.26
C ILE A 272 -4.35 17.82 -0.41
N ARG A 273 -4.79 18.91 0.20
CA ARG A 273 -4.51 20.24 -0.35
C ARG A 273 -3.01 20.49 -0.41
N TYR A 274 -2.26 20.06 0.60
CA TYR A 274 -0.81 20.28 0.56
C TYR A 274 -0.16 19.49 -0.58
N ALA A 275 -0.60 18.24 -0.80
CA ALA A 275 -0.11 17.48 -1.93
C ALA A 275 -0.46 18.17 -3.24
N ALA A 276 -1.69 18.68 -3.36
CA ALA A 276 -2.10 19.32 -4.62
C ALA A 276 -1.29 20.60 -4.88
N GLU A 277 -1.01 21.38 -3.83
CA GLU A 277 -0.11 22.53 -3.93
C GLU A 277 1.30 22.13 -4.35
N ASN A 278 1.67 20.87 -4.16
CA ASN A 278 3.03 20.41 -4.43
C ASN A 278 3.01 19.28 -5.43
N VAL A 279 2.02 19.31 -6.32
CA VAL A 279 1.79 18.22 -7.25
C VAL A 279 2.95 18.07 -8.24
N ASP A 280 3.83 19.08 -8.34
CA ASP A 280 5.00 18.92 -9.20
C ASP A 280 5.94 17.81 -8.71
N VAL A 281 5.95 17.53 -7.40
CA VAL A 281 6.76 16.42 -6.91
C VAL A 281 5.95 15.34 -6.20
N VAL A 282 4.75 15.63 -5.70
CA VAL A 282 3.94 14.65 -4.96
C VAL A 282 2.97 14.00 -5.94
N ARG A 283 3.11 12.69 -6.10
CA ARG A 283 2.27 11.90 -7.00
C ARG A 283 1.08 11.25 -6.30
N GLY A 284 1.07 11.22 -4.98
CA GLY A 284 -0.01 10.55 -4.29
C GLY A 284 0.05 10.74 -2.79
N ILE A 285 -1.08 10.46 -2.15
CA ILE A 285 -1.14 10.30 -0.70
C ILE A 285 -1.75 8.92 -0.45
N ASN A 286 -1.08 8.12 0.34
CA ASN A 286 -1.61 6.79 0.65
C ASN A 286 -1.87 6.77 2.16
N PHE A 287 -3.11 7.01 2.54
CA PHE A 287 -3.47 7.01 3.95
C PHE A 287 -3.47 5.59 4.50
N GLN A 288 -2.95 5.42 5.70
CA GLN A 288 -2.88 4.12 6.36
C GLN A 288 -3.60 4.24 7.69
N PRO A 289 -4.88 3.91 7.74
CA PRO A 289 -5.57 3.83 9.04
C PRO A 289 -4.73 3.00 9.99
N VAL A 290 -4.58 3.53 11.21
CA VAL A 290 -3.66 2.91 12.14
C VAL A 290 -3.99 1.43 12.36
N SER A 291 -2.95 0.61 12.38
CA SER A 291 -3.05 -0.83 12.53
C SER A 291 -2.47 -1.18 13.88
N PHE A 292 -3.25 -1.87 14.71
CA PHE A 292 -2.76 -2.11 16.06
C PHE A 292 -1.82 -3.32 16.10
N THR A 293 -0.75 -3.28 15.32
CA THR A 293 0.35 -4.23 15.41
C THR A 293 1.58 -3.50 15.92
N GLY A 294 2.54 -4.26 16.45
CA GLY A 294 3.81 -3.64 16.80
C GLY A 294 3.66 -2.78 18.04
N ARG A 295 4.12 -1.54 17.94
CA ARG A 295 4.09 -0.60 19.06
C ARG A 295 2.96 0.41 18.88
N VAL A 296 2.04 0.47 19.86
CA VAL A 296 0.94 1.44 19.85
C VAL A 296 0.70 1.88 21.29
N ASP A 297 0.44 3.17 21.48
CA ASP A 297 0.14 3.66 22.81
C ASP A 297 -1.33 3.36 23.15
N GLU A 298 -1.62 3.39 24.46
CA GLU A 298 -2.90 2.87 24.97
C GLU A 298 -4.09 3.69 24.46
N LYS A 299 -3.93 5.02 24.35
CA LYS A 299 -5.03 5.86 23.87
C LYS A 299 -5.33 5.56 22.41
N THR A 300 -4.29 5.43 21.57
CA THR A 300 -4.48 5.01 20.19
C THR A 300 -5.21 3.69 20.11
N LEU A 301 -4.78 2.71 20.90
CA LEU A 301 -5.44 1.40 20.88
C LEU A 301 -6.93 1.53 21.19
N LEU A 302 -7.28 2.37 22.16
CA LEU A 302 -8.65 2.42 22.66
C LEU A 302 -9.56 3.33 21.84
N GLU A 303 -9.03 4.45 21.31
CA GLU A 303 -9.84 5.51 20.72
C GLU A 303 -9.53 5.80 19.25
N GLY A 304 -8.49 5.20 18.66
CA GLY A 304 -8.00 5.65 17.37
C GLY A 304 -8.51 4.93 16.15
N ARG A 305 -9.35 3.90 16.31
CA ARG A 305 -9.71 3.03 15.19
C ARG A 305 -10.48 3.82 14.14
N ILE A 306 -10.08 3.65 12.88
CA ILE A 306 -10.72 4.32 11.76
C ILE A 306 -10.65 3.41 10.54
N THR A 307 -11.69 3.43 9.70
CA THR A 307 -11.73 2.45 8.60
C THR A 307 -11.80 3.16 7.24
N ILE A 308 -11.61 2.36 6.18
CA ILE A 308 -11.67 2.89 4.80
C ILE A 308 -12.90 3.77 4.54
N PRO A 309 -14.12 3.33 4.83
CA PRO A 309 -15.25 4.21 4.54
C PRO A 309 -15.31 5.42 5.45
N ASP A 310 -14.82 5.33 6.69
CA ASP A 310 -14.67 6.55 7.48
C ASP A 310 -13.75 7.53 6.79
N PHE A 311 -12.65 7.03 6.22
CA PHE A 311 -11.71 7.89 5.51
C PHE A 311 -12.37 8.52 4.31
N ILE A 312 -13.15 7.74 3.57
CA ILE A 312 -13.79 8.29 2.37
C ILE A 312 -14.73 9.43 2.77
N LYS A 313 -15.46 9.25 3.87
CA LYS A 313 -16.36 10.32 4.33
C LYS A 313 -15.58 11.59 4.67
N LEU A 314 -14.45 11.45 5.37
CA LEU A 314 -13.59 12.58 5.69
C LEU A 314 -13.13 13.31 4.43
N VAL A 315 -12.74 12.55 3.38
CA VAL A 315 -12.30 13.21 2.14
C VAL A 315 -13.42 14.08 1.59
N GLU A 316 -14.64 13.53 1.53
CA GLU A 316 -15.77 14.29 1.02
C GLU A 316 -16.02 15.53 1.86
N GLU A 317 -16.01 15.39 3.18
CA GLU A 317 -16.26 16.53 4.03
C GLU A 317 -15.18 17.60 3.91
N GLN A 318 -13.93 17.19 3.80
CA GLN A 318 -12.84 18.16 3.95
C GLN A 318 -12.28 18.66 2.63
N THR A 319 -12.80 18.20 1.50
CA THR A 319 -12.52 18.85 0.23
C THR A 319 -13.76 19.54 -0.33
N ASP A 320 -14.77 19.78 0.53
CA ASP A 320 -15.99 20.50 0.18
C ASP A 320 -16.69 19.88 -1.03
N GLY A 321 -16.74 18.55 -1.05
CA GLY A 321 -17.46 17.85 -2.09
C GLY A 321 -16.78 17.77 -3.44
N GLU A 322 -15.55 18.31 -3.57
CA GLU A 322 -14.78 18.14 -4.81
C GLU A 322 -14.49 16.68 -5.11
N ILE A 323 -14.24 15.89 -4.06
CA ILE A 323 -14.10 14.44 -4.15
C ILE A 323 -15.24 13.81 -3.36
N THR A 324 -16.00 12.96 -4.02
CA THR A 324 -17.18 12.37 -3.42
C THR A 324 -17.00 10.86 -3.29
N GLU A 325 -17.93 10.24 -2.57
CA GLU A 325 -17.84 8.82 -2.27
C GLU A 325 -17.75 7.98 -3.53
N GLU A 326 -18.55 8.29 -4.56
CA GLU A 326 -18.58 7.53 -5.82
C GLU A 326 -17.29 7.64 -6.61
N ASP A 327 -16.37 8.51 -6.22
CA ASP A 327 -15.08 8.63 -6.92
C ASP A 327 -14.08 7.55 -6.50
N PHE A 328 -14.35 6.85 -5.40
CA PHE A 328 -13.43 5.82 -4.92
C PHE A 328 -13.81 4.42 -5.43
N TYR A 329 -12.79 3.63 -5.79
CA TYR A 329 -12.93 2.25 -6.20
C TYR A 329 -12.00 1.34 -5.41
N PRO A 330 -12.37 0.08 -5.21
CA PRO A 330 -11.48 -0.86 -4.53
C PRO A 330 -10.38 -1.30 -5.46
N VAL A 331 -9.29 -1.71 -4.86
CA VAL A 331 -8.10 -2.05 -5.64
C VAL A 331 -8.39 -3.09 -6.72
N PRO A 332 -9.06 -4.22 -6.44
CA PRO A 332 -9.24 -5.22 -7.52
C PRO A 332 -10.13 -4.74 -8.65
N SER A 333 -10.75 -3.56 -8.57
CA SER A 333 -11.54 -3.11 -9.74
C SER A 333 -10.66 -3.05 -10.99
N VAL A 334 -9.35 -2.85 -10.84
CA VAL A 334 -8.48 -2.83 -12.01
C VAL A 334 -7.84 -4.16 -12.31
N ALA A 335 -8.13 -5.23 -11.55
CA ALA A 335 -7.60 -6.54 -11.95
C ALA A 335 -7.92 -6.92 -13.41
N PRO A 336 -9.15 -6.72 -13.90
CA PRO A 336 -9.46 -7.11 -15.29
C PRO A 336 -8.62 -6.38 -16.33
N ILE A 337 -8.08 -5.19 -16.01
CA ILE A 337 -7.20 -4.52 -16.98
C ILE A 337 -5.96 -5.35 -17.24
N SER A 338 -5.36 -5.90 -16.18
CA SER A 338 -4.19 -6.77 -16.36
C SER A 338 -4.57 -8.03 -17.12
N VAL A 339 -5.73 -8.57 -16.83
CA VAL A 339 -6.15 -9.80 -17.50
C VAL A 339 -6.28 -9.56 -19.00
N LEU A 340 -6.95 -8.45 -19.37
CA LEU A 340 -7.12 -8.11 -20.78
C LEU A 340 -5.77 -7.92 -21.46
N VAL A 341 -4.88 -7.12 -20.86
CA VAL A 341 -3.56 -6.87 -21.43
C VAL A 341 -2.77 -8.18 -21.61
N GLU A 342 -2.82 -9.05 -20.59
CA GLU A 342 -2.24 -10.39 -20.72
C GLU A 342 -2.80 -11.16 -21.92
N LYS A 343 -4.12 -11.15 -22.12
CA LYS A 343 -4.71 -11.87 -23.26
C LYS A 343 -4.32 -11.24 -24.59
N LEU A 344 -4.31 -9.91 -24.66
CA LEU A 344 -3.94 -9.22 -25.89
C LEU A 344 -2.49 -9.49 -26.30
N THR A 345 -1.59 -9.72 -25.35
CA THR A 345 -0.16 -9.76 -25.63
C THR A 345 0.48 -11.14 -25.43
N ASN A 346 -0.28 -12.14 -24.99
CA ASN A 346 0.27 -13.45 -24.64
C ASN A 346 1.46 -13.38 -23.66
N ASP A 347 1.47 -12.41 -22.74
CA ASP A 347 2.53 -12.32 -21.74
C ASP A 347 1.90 -12.10 -20.38
N ARG A 348 2.32 -12.91 -19.39
CA ARG A 348 1.68 -12.88 -18.07
C ARG A 348 1.90 -11.53 -17.42
N LYS A 349 0.82 -10.94 -16.92
CA LYS A 349 0.95 -9.61 -16.33
C LYS A 349 0.64 -9.63 -14.83
N PRO A 350 1.40 -8.89 -14.02
CA PRO A 350 1.02 -8.75 -12.61
C PRO A 350 -0.41 -8.20 -12.52
N THR A 351 -1.21 -8.84 -11.68
CA THR A 351 -2.63 -8.54 -11.58
C THR A 351 -2.99 -8.15 -10.14
N LEU A 352 -3.65 -7.00 -9.96
CA LEU A 352 -3.96 -6.48 -8.62
C LEU A 352 -5.21 -7.15 -8.06
N SER A 353 -5.04 -8.39 -7.61
CA SER A 353 -6.13 -9.27 -7.19
C SER A 353 -6.34 -9.25 -5.67
N SER A 354 -5.97 -8.17 -5.00
CA SER A 354 -6.18 -8.13 -3.56
C SER A 354 -7.68 -8.03 -3.25
N HIS A 355 -8.02 -8.36 -2.01
CA HIS A 355 -9.42 -8.37 -1.57
C HIS A 355 -10.05 -6.97 -1.70
N GLN A 356 -11.34 -6.95 -2.03
CA GLN A 356 -12.03 -5.69 -2.27
C GLN A 356 -12.16 -4.81 -1.02
N HIS A 357 -12.02 -5.36 0.18
CA HIS A 357 -12.11 -4.55 1.39
C HIS A 357 -10.75 -4.24 2.00
N CYS A 358 -9.67 -4.43 1.26
CA CYS A 358 -8.36 -4.02 1.79
C CYS A 358 -8.02 -2.55 1.54
N GLY A 359 -8.47 -1.98 0.43
CA GLY A 359 -8.01 -0.63 0.11
C GLY A 359 -8.86 0.02 -0.95
N THR A 360 -8.61 1.31 -1.16
CA THR A 360 -9.40 2.06 -2.11
C THR A 360 -8.53 3.15 -2.70
N SER A 361 -8.92 3.61 -3.90
CA SER A 361 -8.18 4.74 -4.43
C SER A 361 -9.08 5.53 -5.35
N THR A 362 -8.71 6.78 -5.56
CA THR A 362 -9.20 7.59 -6.67
C THR A 362 -7.99 8.32 -7.24
N TYR A 363 -8.22 9.05 -8.33
CA TYR A 363 -7.21 9.87 -8.98
C TYR A 363 -7.83 11.21 -9.31
N VAL A 364 -7.07 12.30 -9.13
CA VAL A 364 -7.61 13.62 -9.39
C VAL A 364 -6.63 14.43 -10.21
N PHE A 365 -7.18 15.34 -11.02
CA PHE A 365 -6.43 16.41 -11.64
C PHE A 365 -6.50 17.66 -10.79
N VAL A 366 -5.41 18.42 -10.77
CA VAL A 366 -5.35 19.69 -10.08
C VAL A 366 -5.48 20.77 -11.15
N ASP A 367 -6.55 21.56 -11.12
CA ASP A 367 -6.70 22.54 -12.20
C ASP A 367 -6.02 23.85 -11.81
N GLU A 368 -6.18 24.89 -12.64
CA GLU A 368 -5.47 26.14 -12.41
C GLU A 368 -5.89 26.80 -11.10
N ASP A 369 -7.19 26.84 -10.83
CA ASP A 369 -7.68 27.38 -9.58
C ASP A 369 -7.30 26.54 -8.37
N GLY A 370 -6.74 25.35 -8.56
CA GLY A 370 -6.41 24.47 -7.48
C GLY A 370 -7.51 23.51 -7.08
N LYS A 371 -8.66 23.56 -7.76
CA LYS A 371 -9.74 22.61 -7.47
C LYS A 371 -9.34 21.22 -7.92
N LEU A 372 -9.80 20.22 -7.18
CA LEU A 372 -9.50 18.83 -7.47
C LEU A 372 -10.63 18.28 -8.31
N ILE A 373 -10.29 17.71 -9.46
CA ILE A 373 -11.28 17.12 -10.34
C ILE A 373 -10.97 15.64 -10.52
N PRO A 374 -11.71 14.75 -9.86
CA PRO A 374 -11.44 13.33 -10.00
C PRO A 374 -11.66 12.86 -11.42
N ILE A 375 -10.82 11.92 -11.87
CA ILE A 375 -10.93 11.40 -13.23
C ILE A 375 -12.29 10.75 -13.44
N THR A 376 -12.85 10.17 -12.38
CA THR A 376 -14.18 9.58 -12.39
C THR A 376 -15.29 10.60 -12.56
N ARG A 377 -15.00 11.87 -12.30
CA ARG A 377 -16.00 12.92 -12.55
C ARG A 377 -16.29 13.08 -14.04
N PHE A 378 -15.32 12.77 -14.91
CA PHE A 378 -15.53 12.98 -16.33
C PHE A 378 -15.20 11.78 -17.21
N ILE A 379 -14.78 10.67 -16.64
CA ILE A 379 -14.66 9.40 -17.37
C ILE A 379 -15.52 8.37 -16.65
N ASP A 380 -16.37 7.67 -17.41
CA ASP A 380 -17.25 6.64 -16.82
C ASP A 380 -16.41 5.40 -16.53
N VAL A 381 -15.75 5.41 -15.36
CA VAL A 381 -14.81 4.34 -15.03
C VAL A 381 -15.55 3.03 -14.88
N GLU A 382 -16.73 3.08 -14.27
CA GLU A 382 -17.56 1.89 -14.15
C GLU A 382 -17.84 1.29 -15.53
N GLY A 383 -18.27 2.14 -16.47
CA GLY A 383 -18.55 1.65 -17.81
C GLY A 383 -17.31 1.18 -18.54
N PHE A 384 -16.17 1.81 -18.26
CA PHE A 384 -14.91 1.38 -18.87
C PHE A 384 -14.55 -0.02 -18.42
N LEU A 385 -14.64 -0.27 -17.12
CA LEU A 385 -14.33 -1.59 -16.59
C LEU A 385 -15.30 -2.64 -17.09
N GLU A 386 -16.57 -2.26 -17.32
CA GLU A 386 -17.54 -3.21 -17.88
C GLU A 386 -17.15 -3.64 -19.29
N ILE A 387 -16.74 -2.68 -20.13
CA ILE A 387 -16.31 -3.03 -21.48
C ILE A 387 -15.08 -3.93 -21.42
N VAL A 388 -14.14 -3.62 -20.50
CA VAL A 388 -12.95 -4.45 -20.39
C VAL A 388 -13.32 -5.89 -20.06
N LYS A 389 -14.20 -6.07 -19.06
CA LYS A 389 -14.62 -7.41 -18.68
C LYS A 389 -15.39 -8.09 -19.81
N GLU A 390 -16.13 -7.33 -20.59
CA GLU A 390 -16.84 -7.92 -21.73
C GLU A 390 -15.87 -8.41 -22.81
N LYS A 391 -14.82 -7.62 -23.10
CA LYS A 391 -13.92 -8.00 -24.19
C LYS A 391 -13.03 -9.18 -23.80
N ILE A 392 -12.74 -9.34 -22.51
CA ILE A 392 -12.09 -10.56 -22.05
C ILE A 392 -12.95 -11.78 -22.40
N GLU A 393 -14.27 -11.70 -22.14
CA GLU A 393 -15.17 -12.78 -22.52
C GLU A 393 -15.14 -13.06 -24.02
N GLU A 394 -14.88 -12.03 -24.83
CA GLU A 394 -14.80 -12.18 -26.28
C GLU A 394 -13.38 -12.51 -26.76
N ILE A 395 -12.57 -13.13 -25.91
CA ILE A 395 -11.22 -13.51 -26.31
C ILE A 395 -10.95 -14.95 -25.89
N ASP A 402 -7.05 -11.27 -29.80
CA ASP A 402 -7.72 -10.99 -31.07
C ASP A 402 -7.40 -9.56 -31.56
N VAL A 403 -7.37 -9.39 -32.88
CA VAL A 403 -6.86 -8.13 -33.46
C VAL A 403 -7.87 -6.98 -33.39
N LYS A 404 -9.15 -7.23 -33.17
CA LYS A 404 -10.15 -6.18 -33.29
C LYS A 404 -10.56 -5.57 -31.96
N VAL A 405 -10.16 -6.16 -30.84
CA VAL A 405 -10.64 -5.73 -29.51
C VAL A 405 -10.26 -4.27 -29.24
N LEU A 406 -8.97 -3.95 -29.36
CA LEU A 406 -8.49 -2.62 -29.01
C LEU A 406 -9.23 -1.53 -29.78
N GLY A 407 -9.33 -1.71 -31.11
CA GLY A 407 -10.06 -0.73 -31.91
C GLY A 407 -11.49 -0.56 -31.47
N GLU A 408 -12.17 -1.68 -31.15
CA GLU A 408 -13.53 -1.62 -30.63
C GLU A 408 -13.60 -0.80 -29.34
N ILE A 409 -12.67 -1.05 -28.40
CA ILE A 409 -12.66 -0.28 -27.16
C ILE A 409 -12.34 1.19 -27.45
N ALA A 410 -11.37 1.44 -28.35
CA ALA A 410 -11.08 2.82 -28.74
C ALA A 410 -12.31 3.50 -29.35
N LEU A 411 -13.19 2.72 -30.01
CA LEU A 411 -14.42 3.30 -30.57
C LEU A 411 -15.38 3.73 -29.48
N LYS A 412 -15.44 2.97 -28.38
CA LYS A 412 -16.40 3.23 -27.32
C LYS A 412 -15.94 4.27 -26.31
N LEU A 413 -14.63 4.53 -26.22
CA LEU A 413 -14.15 5.45 -25.19
C LEU A 413 -14.82 6.82 -25.22
N PRO A 414 -15.10 7.46 -26.38
CA PRO A 414 -15.75 8.77 -26.32
C PRO A 414 -17.12 8.77 -25.63
N SER A 415 -17.93 7.73 -25.81
CA SER A 415 -19.22 7.65 -25.12
C SER A 415 -19.07 7.58 -23.61
N LEU A 416 -17.90 7.22 -23.12
CA LEU A 416 -17.65 7.12 -21.69
C LEU A 416 -17.20 8.44 -21.07
N ILE A 417 -16.84 9.42 -21.89
CA ILE A 417 -16.31 10.69 -21.40
C ILE A 417 -17.42 11.72 -21.32
N ASP A 418 -17.37 12.57 -20.30
CA ASP A 418 -18.25 13.73 -20.17
C ASP A 418 -17.39 14.99 -20.36
N LEU A 419 -17.36 15.49 -21.60
CA LEU A 419 -16.54 16.67 -21.89
C LEU A 419 -16.99 17.89 -21.09
N ASP A 420 -18.23 17.91 -20.61
CA ASP A 420 -18.69 19.05 -19.82
C ASP A 420 -17.94 19.16 -18.51
N LYS A 421 -17.74 18.02 -17.83
CA LYS A 421 -17.15 17.99 -16.50
C LYS A 421 -15.64 17.85 -16.51
N ALA A 422 -15.00 17.85 -17.68
CA ALA A 422 -13.56 17.66 -17.70
C ALA A 422 -12.82 18.98 -17.44
N PRO A 423 -11.65 18.91 -16.80
CA PRO A 423 -10.88 20.14 -16.54
C PRO A 423 -10.47 20.83 -17.83
N LYS A 424 -10.54 22.17 -17.82
CA LYS A 424 -10.13 22.95 -18.99
C LYS A 424 -8.64 22.80 -19.28
N SER A 425 -7.83 22.54 -18.24
CA SER A 425 -6.38 22.43 -18.37
C SER A 425 -5.93 21.02 -18.76
N VAL A 426 -6.81 20.18 -19.27
CA VAL A 426 -6.50 18.79 -19.58
C VAL A 426 -6.82 18.50 -21.04
N ASN A 427 -5.87 17.92 -21.76
CA ASN A 427 -6.15 17.45 -23.12
C ASN A 427 -6.80 16.10 -23.01
N ILE A 428 -8.12 16.04 -23.23
CA ILE A 428 -8.85 14.79 -23.09
C ILE A 428 -8.33 13.76 -24.10
N LYS A 429 -7.96 14.21 -25.30
CA LYS A 429 -7.44 13.30 -26.32
C LYS A 429 -6.15 12.61 -25.87
N LYS A 430 -5.26 13.33 -25.18
CA LYS A 430 -4.02 12.72 -24.71
C LYS A 430 -4.29 11.69 -23.61
N ILE A 431 -5.20 12.00 -22.67
CA ILE A 431 -5.54 11.04 -21.63
C ILE A 431 -6.07 9.75 -22.25
N ILE A 432 -7.03 9.87 -23.16
CA ILE A 432 -7.59 8.71 -23.87
C ILE A 432 -6.48 7.90 -24.52
N ASP A 433 -5.55 8.57 -25.19
CA ASP A 433 -4.46 7.84 -25.83
C ASP A 433 -3.58 7.13 -24.81
N LEU A 434 -3.34 7.77 -23.65
CA LEU A 434 -2.54 7.13 -22.63
C LEU A 434 -3.25 5.90 -22.08
N ILE A 435 -4.56 5.99 -21.88
CA ILE A 435 -5.32 4.82 -21.42
C ILE A 435 -5.19 3.68 -22.43
N LEU A 436 -5.38 3.98 -23.72
CA LEU A 436 -5.25 2.95 -24.74
C LEU A 436 -3.87 2.35 -24.75
N SER A 437 -2.84 3.18 -24.52
CA SER A 437 -1.47 2.67 -24.51
C SER A 437 -1.22 1.76 -23.32
N VAL A 438 -1.90 2.01 -22.19
CA VAL A 438 -1.84 1.05 -21.09
C VAL A 438 -2.42 -0.29 -21.52
N LEU A 439 -3.51 -0.27 -22.28
CA LEU A 439 -4.05 -1.53 -22.77
C LEU A 439 -3.12 -2.22 -23.79
N LYS A 440 -2.14 -1.50 -24.34
CA LYS A 440 -1.11 -2.10 -25.18
C LYS A 440 0.14 -2.44 -24.38
N SER A 441 0.03 -2.48 -23.06
CA SER A 441 1.12 -2.83 -22.14
C SER A 441 2.31 -1.87 -22.22
N ASP A 442 2.02 -0.59 -22.44
CA ASP A 442 3.03 0.45 -22.40
C ASP A 442 3.14 0.95 -20.96
N TYR A 443 4.15 0.44 -20.23
CA TYR A 443 4.39 0.88 -18.87
C TYR A 443 4.76 2.38 -18.79
N SER A 444 5.40 2.93 -19.82
CA SER A 444 5.73 4.35 -19.79
C SER A 444 4.48 5.22 -19.82
N ALA A 445 3.42 4.75 -20.49
CA ALA A 445 2.16 5.50 -20.49
C ALA A 445 1.47 5.44 -19.14
N LEU A 446 1.54 4.31 -18.45
CA LEU A 446 0.98 4.23 -17.10
C LEU A 446 1.72 5.18 -16.16
N ALA A 447 3.04 5.29 -16.32
CA ALA A 447 3.82 6.22 -15.52
C ALA A 447 3.52 7.66 -15.88
N GLU A 448 3.37 7.97 -17.18
CA GLU A 448 2.99 9.33 -17.57
C GLU A 448 1.60 9.68 -17.06
N LEU A 449 0.67 8.73 -17.12
CA LEU A 449 -0.66 8.95 -16.56
C LEU A 449 -0.58 9.35 -15.10
N HIS A 450 0.27 8.64 -14.33
CA HIS A 450 0.43 9.00 -12.93
C HIS A 450 1.08 10.35 -12.77
N TYR A 451 1.90 10.77 -13.73
CA TYR A 451 2.52 12.08 -13.58
C TYR A 451 1.50 13.20 -13.75
N HIS A 452 0.47 12.98 -14.58
CA HIS A 452 -0.57 13.98 -14.78
C HIS A 452 -1.49 14.12 -13.57
N MET A 453 -1.55 13.12 -12.70
CA MET A 453 -2.63 13.09 -11.71
C MET A 453 -2.07 13.04 -10.30
N LEU A 454 -2.98 13.17 -9.34
CA LEU A 454 -2.65 12.98 -7.94
C LEU A 454 -3.47 11.79 -7.43
N MET A 455 -2.78 10.73 -7.04
CA MET A 455 -3.50 9.55 -6.54
C MET A 455 -3.87 9.76 -5.09
N ILE A 456 -5.10 9.38 -4.71
CA ILE A 456 -5.49 9.52 -3.31
C ILE A 456 -6.04 8.16 -2.87
N SER A 457 -5.33 7.47 -1.99
CA SER A 457 -5.66 6.07 -1.71
C SER A 457 -5.62 5.85 -0.20
N CYS A 458 -6.15 4.70 0.20
CA CYS A 458 -6.22 4.34 1.61
C CYS A 458 -6.12 2.82 1.70
N MET A 459 -5.17 2.31 2.46
CA MET A 459 -4.98 0.86 2.59
C MET A 459 -4.96 0.53 4.07
N HIS A 460 -5.84 -0.39 4.51
CA HIS A 460 -6.02 -0.59 5.94
C HIS A 460 -5.47 -1.96 6.32
N PHE A 461 -4.19 -1.97 6.70
CA PHE A 461 -3.52 -3.19 7.12
C PHE A 461 -4.19 -3.75 8.37
N MET A 462 -4.38 -5.06 8.38
CA MET A 462 -5.07 -5.73 9.47
C MET A 462 -4.21 -5.89 10.73
N ASP A 463 -4.88 -6.06 11.85
CA ASP A 463 -4.24 -6.43 13.10
C ASP A 463 -4.97 -7.63 13.69
N ALA A 464 -4.59 -8.07 14.89
CA ALA A 464 -5.27 -9.20 15.47
C ALA A 464 -6.71 -8.89 15.84
N TYR A 465 -7.07 -7.64 16.01
CA TYR A 465 -8.46 -7.32 16.35
C TYR A 465 -9.39 -7.44 15.14
N ASN A 466 -8.96 -7.05 13.93
CA ASN A 466 -9.88 -7.13 12.79
C ASN A 466 -9.45 -8.15 11.75
N PHE A 467 -8.62 -9.11 12.14
CA PHE A 467 -8.01 -10.00 11.16
C PHE A 467 -9.06 -10.81 10.42
N ASP A 468 -8.89 -10.97 9.10
CA ASP A 468 -9.85 -11.70 8.27
C ASP A 468 -9.05 -12.57 7.33
N VAL A 469 -9.11 -13.89 7.54
CA VAL A 469 -8.34 -14.81 6.72
C VAL A 469 -8.75 -14.72 5.25
N LYS A 470 -10.04 -14.46 4.97
CA LYS A 470 -10.47 -14.34 3.58
C LYS A 470 -9.84 -13.14 2.88
N ARG A 471 -9.52 -12.07 3.62
CA ARG A 471 -8.75 -10.98 3.04
C ARG A 471 -7.30 -11.41 2.81
N VAL A 472 -6.64 -11.97 3.83
CA VAL A 472 -5.19 -12.13 3.71
C VAL A 472 -4.80 -13.14 2.63
N MET A 473 -5.69 -14.09 2.31
CA MET A 473 -5.37 -15.06 1.25
C MET A 473 -5.19 -14.41 -0.11
N ARG A 474 -5.75 -13.21 -0.32
CA ARG A 474 -5.59 -12.51 -1.58
C ARG A 474 -4.51 -11.43 -1.52
N CYS A 475 -3.78 -11.33 -0.40
CA CYS A 475 -2.83 -10.23 -0.25
C CYS A 475 -1.80 -10.20 -1.37
N CYS A 476 -1.52 -8.99 -1.88
CA CYS A 476 -0.58 -8.75 -2.97
CA CYS A 476 -0.51 -8.89 -2.94
C CYS A 476 0.69 -8.05 -2.52
N ILE A 477 0.83 -7.71 -1.25
CA ILE A 477 2.00 -7.00 -0.73
CA ILE A 477 1.99 -6.99 -0.71
C ILE A 477 2.72 -7.95 0.21
N HIS A 478 3.96 -8.35 -0.14
CA HIS A 478 4.62 -9.43 0.54
C HIS A 478 6.02 -9.05 0.97
N TYR A 479 6.45 -9.56 2.14
CA TYR A 479 7.85 -9.48 2.55
C TYR A 479 8.63 -10.67 2.00
N ALA A 480 9.79 -10.40 1.41
CA ALA A 480 10.73 -11.49 1.14
C ALA A 480 11.61 -11.64 2.38
N THR A 481 11.82 -12.88 2.82
CA THR A 481 12.57 -13.10 4.05
C THR A 481 13.89 -13.82 3.77
N PRO A 482 14.83 -13.76 4.70
CA PRO A 482 16.12 -14.42 4.48
C PRO A 482 16.04 -15.93 4.57
N ASP A 483 14.96 -16.51 5.09
CA ASP A 483 14.83 -17.97 5.02
C ASP A 483 14.06 -18.42 3.77
N ASP A 484 14.10 -17.61 2.73
CA ASP A 484 13.52 -17.90 1.42
C ASP A 484 12.01 -18.03 1.46
N ARG A 485 11.35 -17.25 2.29
CA ARG A 485 9.90 -17.20 2.22
C ARG A 485 9.47 -15.85 1.65
N ILE A 486 8.20 -15.81 1.29
CA ILE A 486 7.52 -14.65 0.77
C ILE A 486 6.21 -14.57 1.55
N ILE A 487 6.08 -13.57 2.42
CA ILE A 487 5.06 -13.56 3.47
C ILE A 487 4.16 -12.34 3.34
N PRO A 488 2.84 -12.53 3.20
CA PRO A 488 1.91 -11.38 3.16
C PRO A 488 2.16 -10.37 4.27
N PHE A 489 2.06 -9.10 3.90
CA PHE A 489 2.36 -8.01 4.86
C PHE A 489 1.54 -8.19 6.12
N CYS A 490 0.27 -8.54 5.97
CA CYS A 490 -0.58 -8.57 7.15
C CYS A 490 -0.35 -9.81 8.01
N THR A 491 0.15 -10.92 7.47
CA THR A 491 0.55 -11.95 8.41
C THR A 491 1.96 -11.71 8.95
N TYR A 492 2.84 -11.08 8.16
CA TYR A 492 4.19 -10.80 8.64
C TYR A 492 4.15 -9.95 9.91
N ASN A 493 3.37 -8.88 9.89
CA ASN A 493 3.45 -7.97 11.01
C ASN A 493 2.58 -8.40 12.20
N THR A 494 1.68 -9.36 12.04
CA THR A 494 0.97 -9.91 13.21
C THR A 494 1.56 -11.20 13.75
N LEU A 495 2.17 -12.04 12.90
CA LEU A 495 2.56 -13.38 13.31
C LEU A 495 4.04 -13.70 13.11
N HIS A 496 4.72 -13.12 12.12
CA HIS A 496 6.04 -13.64 11.76
C HIS A 496 7.21 -12.72 12.04
N ARG A 497 6.99 -11.40 12.19
CA ARG A 497 8.13 -10.50 12.25
C ARG A 497 9.08 -10.84 13.40
N GLN A 498 8.56 -11.07 14.61
CA GLN A 498 9.48 -11.31 15.74
C GLN A 498 10.28 -12.59 15.53
N GLU A 499 9.62 -13.66 15.07
CA GLU A 499 10.29 -14.94 14.82
C GLU A 499 11.46 -14.77 13.85
N VAL A 500 11.20 -14.12 12.71
CA VAL A 500 12.23 -13.94 11.69
C VAL A 500 13.34 -13.05 12.22
N GLU A 501 12.96 -11.95 12.87
CA GLU A 501 14.00 -11.00 13.26
C GLU A 501 14.89 -11.61 14.33
N GLU A 502 14.30 -12.38 15.22
CA GLU A 502 15.07 -13.06 16.26
C GLU A 502 16.06 -14.08 15.68
N LYS A 503 15.64 -14.87 14.69
CA LYS A 503 16.55 -15.84 14.06
C LYS A 503 17.77 -15.15 13.46
N PHE A 504 17.57 -14.00 12.80
CA PHE A 504 18.61 -13.41 11.96
C PHE A 504 19.21 -12.16 12.58
N SER A 505 19.00 -11.92 13.86
CA SER A 505 19.61 -10.77 14.50
CA SER A 505 19.59 -10.77 14.53
C SER A 505 20.80 -11.19 15.36
N ILE A 506 21.67 -10.23 15.65
CA ILE A 506 22.74 -10.46 16.62
C ILE A 506 22.58 -9.39 17.68
N PRO A 507 22.99 -9.63 18.94
CA PRO A 507 22.76 -8.63 19.98
C PRO A 507 23.43 -7.31 19.65
N LEU A 508 22.77 -6.20 20.03
CA LEU A 508 23.28 -4.90 19.67
C LEU A 508 24.67 -4.69 20.24
N GLU A 509 24.89 -5.18 21.47
CA GLU A 509 26.18 -5.00 22.12
C GLU A 509 27.30 -5.47 21.21
N GLU A 510 27.20 -6.69 20.70
CA GLU A 510 28.24 -7.18 19.81
C GLU A 510 28.16 -6.55 18.41
N TRP A 511 26.95 -6.28 17.91
CA TRP A 511 26.85 -5.67 16.57
C TRP A 511 27.56 -4.33 16.51
N LYS A 512 27.37 -3.47 17.52
CA LYS A 512 28.05 -2.18 17.49
C LYS A 512 29.57 -2.30 17.51
N ARG A 513 30.12 -3.32 18.18
CA ARG A 513 31.57 -3.43 18.27
C ARG A 513 32.17 -3.97 17.01
N MET A 514 31.36 -4.48 16.09
CA MET A 514 31.83 -5.14 14.90
C MET A 514 31.55 -4.33 13.65
N HIS A 515 30.83 -3.21 13.79
CA HIS A 515 30.39 -2.38 12.67
C HIS A 515 30.62 -0.92 12.99
N LYS A 516 30.31 -0.06 12.03
CA LYS A 516 30.18 1.38 12.20
C LYS A 516 28.69 1.74 12.11
N ILE A 517 28.37 3.02 12.34
CA ILE A 517 26.97 3.43 12.45
C ILE A 517 26.20 3.20 11.14
N GLY A 518 26.88 3.21 9.98
CA GLY A 518 26.23 2.95 8.71
C GLY A 518 26.05 1.47 8.36
N GLY A 519 26.56 0.58 9.22
CA GLY A 519 26.46 -0.85 9.01
C GLY A 519 27.66 -1.49 8.35
N GLU A 520 28.65 -0.70 7.94
CA GLU A 520 29.89 -1.25 7.39
C GLU A 520 30.73 -1.89 8.49
N ASP A 521 31.48 -2.94 8.12
CA ASP A 521 32.33 -3.66 9.06
C ASP A 521 33.34 -2.73 9.74
FE FE B . -7.26 -16.77 22.76
FE1 SF4 C . 11.36 4.12 12.81
FE2 SF4 C . 9.11 5.45 13.26
FE3 SF4 C . 9.05 2.78 13.26
FE4 SF4 C . 9.34 4.03 10.78
S1 SF4 C . 7.55 4.08 12.18
S2 SF4 C . 10.57 2.27 11.72
S3 SF4 C . 10.54 5.90 11.58
S4 SF4 C . 10.20 4.19 14.79
FE1 SF4 D . -0.08 -17.34 4.19
FE2 SF4 D . -1.51 -16.96 1.91
FE3 SF4 D . -2.73 -17.97 4.11
FE4 SF4 D . -0.89 -19.45 2.66
S1 SF4 D . -3.00 -18.70 2.00
S2 SF4 D . -0.99 -19.32 4.89
S3 SF4 D . 0.68 -17.84 2.08
S4 SF4 D . -1.84 -15.86 3.91
FE1 SF4 E . -2.90 -4.93 1.96
FE2 SF4 E . -4.90 -6.62 2.32
FE3 SF4 E . -2.95 -6.48 4.25
FE4 SF4 E . -2.27 -7.57 1.92
S1 SF4 E . -3.90 -8.27 3.40
S2 SF4 E . -1.10 -5.91 2.94
S3 SF4 E . -3.55 -6.50 0.36
S4 SF4 E . -4.42 -4.84 3.59
N1 5AD F . -0.41 1.68 11.25
C2 5AD F . -0.31 2.25 10.03
N3 5AD F . 0.73 2.88 9.48
C4 5AD F . 1.80 2.87 10.32
N9 5AD F . 3.06 3.37 10.07
C8 5AD F . 3.79 3.10 11.19
N7 5AD F . 3.11 2.49 12.13
C5 5AD F . 1.85 2.33 11.59
C6 5AD F . 0.67 1.71 12.07
N6 5AD F . 0.57 1.15 13.29
C1' 5AD F . 3.53 4.05 8.86
C2' 5AD F . 4.86 4.78 9.02
C3' 5AD F . 5.32 4.89 7.56
C4' 5AD F . 4.60 3.72 6.86
C5' 5AD F . 5.51 2.70 6.20
O4' 5AD F . 3.78 3.09 7.86
O2' 5AD F . 4.69 6.04 9.67
O3' 5AD F . 4.94 6.09 6.92
N MET G . 10.83 3.84 9.03
CA MET G . 10.16 4.11 7.76
C MET G . 9.02 5.11 7.95
O MET G . 8.53 5.35 9.07
CB MET G . 9.64 2.79 7.14
CG MET G . 9.22 1.74 8.18
SD MET G . 7.92 2.32 9.27
CE MET G . 7.63 0.85 10.25
OXT MET G . 8.53 5.69 7.00
S SCN H . -2.75 -2.99 0.93
C SCN H . -3.93 -3.15 -0.41
N SCN H . -4.78 -3.10 -1.23
P1 LPP I . 9.06 6.31 -12.48
O2 LPP I . 10.23 7.16 -11.95
O3 LPP I . 9.26 4.82 -12.27
O4 LPP I . 8.80 6.71 -13.95
O5 LPP I . 7.75 6.74 -11.63
C6 LPP I . 6.44 6.73 -12.24
C7 LPP I . 5.44 6.25 -11.22
C8 LPP I . 4.60 7.38 -10.68
O9 LPP I . 4.58 5.25 -11.85
O27 LPP I . 3.61 6.86 -9.77
C11 LPP I . 4.23 4.20 -11.10
O10 LPP I . 4.57 4.06 -9.95
C12 LPP I . 3.34 3.25 -11.85
C13 LPP I . 2.60 2.28 -10.92
C14 LPP I . 1.19 2.74 -10.55
C15 LPP I . 0.41 1.76 -9.66
C16 LPP I . -1.11 1.83 -9.80
C17 LPP I . -1.89 1.29 -8.60
C18 LPP I . -3.40 1.17 -8.82
C19 LPP I . -4.23 1.32 -7.55
C20 LPP I . -5.70 0.89 -7.66
C21 LPP I . -6.58 1.86 -8.43
C22 LPP I . -8.05 1.64 -8.21
C23 LPP I . -8.95 2.34 -9.22
C24 LPP I . -8.96 3.86 -9.14
C25 LPP I . -10.12 4.49 -9.85
C26 LPP I . -10.09 6.02 -9.94
C29 LPP I . 3.83 7.05 -8.46
O28 LPP I . 4.74 7.70 -8.03
C30 LPP I . 2.82 6.32 -7.62
C31 LPP I . 3.40 5.07 -6.97
C32 LPP I . 2.32 4.22 -6.34
C33 LPP I . 2.27 4.19 -4.83
C34 LPP I . 0.98 3.61 -4.31
C35 LPP I . 1.05 2.99 -2.91
C36 LPP I . 1.79 1.66 -2.86
C37 LPP I . 1.32 0.75 -1.73
C38 LPP I . 2.05 0.95 -0.42
C39 LPP I . 1.99 -0.21 0.52
C40 LPP I . 2.54 0.10 1.88
C41 LPP I . 3.66 -0.81 2.32
C42 LPP I . 4.32 -0.35 3.61
C43 LPP I . 5.45 -1.25 4.07
C44 LPP I . 6.39 -0.61 5.07
P1 LPP J . 5.43 -4.96 -18.52
O2 LPP J . 6.71 -4.11 -18.55
O3 LPP J . 5.62 -6.40 -18.08
O4 LPP J . 4.76 -4.84 -19.89
O5 LPP J . 4.43 -4.26 -17.46
C6 LPP J . 3.13 -3.80 -17.88
C7 LPP J . 2.24 -3.88 -16.67
C8 LPP J . 2.80 -3.03 -15.56
O9 LPP J . 0.95 -3.26 -17.04
O27 LPP J . 2.84 -3.70 -14.28
C11 LPP J . -0.08 -4.07 -17.29
O10 LPP J . -0.03 -5.27 -17.26
C12 LPP J . -1.32 -3.28 -17.60
C13 LPP J . -2.18 -3.04 -16.36
C14 LPP J . -1.46 -2.21 -15.31
C15 LPP J . -2.03 -2.33 -13.90
C16 LPP J . -3.38 -1.66 -13.71
C17 LPP J . -3.43 -0.28 -14.31
C18 LPP J . -4.58 0.57 -13.82
C19 LPP J . -4.27 1.36 -12.56
C20 LPP J . -4.95 2.73 -12.52
C21 LPP J . -4.52 3.66 -13.64
C22 LPP J . -5.06 5.09 -13.51
C23 LPP J . -6.58 5.20 -13.58
C24 LPP J . -7.20 4.74 -14.90
C25 LPP J . -8.71 4.65 -14.87
C26 LPP J . -9.31 4.09 -16.15
C29 LPP J . 1.91 -3.34 -13.38
O28 LPP J . 0.78 -3.76 -13.37
C30 LPP J . 2.41 -2.23 -12.49
C31 LPP J . 2.78 -2.64 -11.07
C32 LPP J . 4.14 -2.09 -10.67
C33 LPP J . 4.08 -0.75 -9.96
C34 LPP J . 3.40 -0.86 -8.61
C35 LPP J . 3.71 0.27 -7.65
C36 LPP J . 3.13 0.02 -6.28
C37 LPP J . 1.76 -0.62 -6.36
C38 LPP J . 1.36 -1.33 -5.10
C39 LPP J . 0.03 -2.02 -5.19
C40 LPP J . -0.91 -1.64 -4.08
C41 LPP J . -2.32 -2.07 -4.33
C42 LPP J . -2.45 -3.55 -4.61
#